data_3ADO
#
_entry.id   3ADO
#
_cell.length_a   71.809
_cell.length_b   69.079
_cell.length_c   65.642
_cell.angle_alpha   90.00
_cell.angle_beta   102.729
_cell.angle_gamma   90.00
#
_symmetry.space_group_name_H-M   'C 1 2 1'
#
loop_
_entity.id
_entity.type
_entity.pdbx_description
1 polymer Lambda-crystallin
2 water water
#
_entity_poly.entity_id   1
_entity_poly.type   'polypeptide(L)'
_entity_poly.pdbx_seq_one_letter_code
;MASPAAGDVLIVGSGLVGRSWAMLFASGGFRVKLYDIEPRQITGALENIRKEMKSLQQSGSLKGSLSAEEQLSLISSCTN
LAEAVEGVVHIQECVPENLDLKRKIFAQLDSIVDDRVVLSSSSSCLLPSKLFTGLAHVKQCIVAHPVNPPYYIPLVELVP
HPETSPATVDRTHALMRKIGQSPVRVLKEIDGFVLNRLQYAIISEAWRLVEEGIVSPSDLDLVMSDGLGMRYAFIGPLET
MHLNAEGMLSYCDRYSEGMKRVLKSFGSIPEFSGATVEKVNQAMCKKVPADPEHLAARREWRDECLKRLAKLKRQMQPQ
;
_entity_poly.pdbx_strand_id   A
#
# COMPACT_ATOMS: atom_id res chain seq x y z
N GLY A 7 22.94 -0.90 -8.53
CA GLY A 7 21.84 -1.86 -8.80
C GLY A 7 21.24 -2.42 -7.53
N ASP A 8 21.74 -1.96 -6.38
CA ASP A 8 21.25 -2.42 -5.10
C ASP A 8 20.11 -1.53 -4.61
N VAL A 9 19.43 -1.96 -3.56
CA VAL A 9 18.32 -1.21 -3.00
C VAL A 9 18.58 -0.90 -1.53
N LEU A 10 18.21 0.29 -1.09
CA LEU A 10 18.37 0.69 0.30
C LEU A 10 17.00 0.96 0.91
N ILE A 11 16.74 0.38 2.07
CA ILE A 11 15.47 0.58 2.78
C ILE A 11 15.82 1.35 4.03
N VAL A 12 15.24 2.55 4.19
CA VAL A 12 15.49 3.37 5.37
C VAL A 12 14.33 3.20 6.34
N GLY A 13 14.58 2.50 7.44
CA GLY A 13 13.55 2.24 8.42
C GLY A 13 13.24 0.75 8.40
N SER A 14 13.46 0.08 9.52
CA SER A 14 13.23 -1.36 9.60
C SER A 14 11.94 -1.75 10.29
N GLY A 15 10.90 -0.93 10.16
CA GLY A 15 9.61 -1.25 10.74
C GLY A 15 8.90 -2.25 9.84
N LEU A 16 7.62 -2.46 10.06
CA LEU A 16 6.86 -3.42 9.25
C LEU A 16 6.90 -3.11 7.75
N VAL A 17 6.66 -1.86 7.39
CA VAL A 17 6.67 -1.49 5.97
C VAL A 17 8.05 -1.70 5.36
N GLY A 18 9.09 -1.41 6.12
CA GLY A 18 10.45 -1.57 5.62
C GLY A 18 10.84 -3.02 5.44
N ARG A 19 10.45 -3.85 6.40
CA ARG A 19 10.77 -5.27 6.31
C ARG A 19 10.04 -5.89 5.12
N SER A 20 8.83 -5.43 4.84
CA SER A 20 8.07 -5.95 3.72
C SER A 20 8.74 -5.59 2.40
N TRP A 21 9.21 -4.35 2.28
CA TRP A 21 9.90 -3.93 1.06
C TRP A 21 11.17 -4.77 0.89
N ALA A 22 11.89 -5.00 1.99
CA ALA A 22 13.13 -5.77 1.93
C ALA A 22 12.86 -7.14 1.31
N MET A 23 11.81 -7.79 1.77
CA MET A 23 11.47 -9.12 1.26
C MET A 23 11.03 -9.10 -0.19
N LEU A 24 10.34 -8.03 -0.60
CA LEU A 24 9.90 -7.93 -1.98
C LEU A 24 11.10 -7.75 -2.91
N PHE A 25 12.00 -6.83 -2.58
CA PHE A 25 13.17 -6.60 -3.42
C PHE A 25 14.11 -7.81 -3.47
N ALA A 26 14.26 -8.50 -2.35
CA ALA A 26 15.12 -9.68 -2.34
C ALA A 26 14.54 -10.78 -3.24
N SER A 27 13.21 -10.86 -3.31
CA SER A 27 12.58 -11.89 -4.14
C SER A 27 12.87 -11.61 -5.61
N GLY A 28 13.20 -10.36 -5.91
CA GLY A 28 13.53 -9.98 -7.28
C GLY A 28 15.01 -10.08 -7.58
N GLY A 29 15.79 -10.57 -6.62
CA GLY A 29 17.23 -10.73 -6.83
C GLY A 29 18.09 -9.53 -6.53
N PHE A 30 17.50 -8.49 -5.94
CA PHE A 30 18.24 -7.28 -5.60
C PHE A 30 18.95 -7.40 -4.25
N ARG A 31 20.15 -6.86 -4.16
CA ARG A 31 20.85 -6.86 -2.88
C ARG A 31 20.13 -5.75 -2.13
N VAL A 32 19.76 -6.02 -0.90
CA VAL A 32 19.03 -5.04 -0.09
C VAL A 32 19.80 -4.64 1.15
N LYS A 33 19.93 -3.33 1.36
CA LYS A 33 20.60 -2.80 2.53
C LYS A 33 19.47 -2.29 3.42
N LEU A 34 19.43 -2.78 4.65
CA LEU A 34 18.39 -2.37 5.60
C LEU A 34 19.01 -1.44 6.64
N TYR A 35 18.63 -0.17 6.60
CA TYR A 35 19.14 0.85 7.51
C TYR A 35 18.09 1.32 8.51
N ASP A 36 18.54 1.67 9.70
CA ASP A 36 17.67 2.17 10.75
C ASP A 36 18.55 2.84 11.80
N ILE A 37 18.05 3.91 12.40
CA ILE A 37 18.80 4.65 13.41
C ILE A 37 19.00 3.81 14.67
N GLU A 38 18.14 2.82 14.87
CA GLU A 38 18.22 1.96 16.04
C GLU A 38 18.74 0.57 15.66
N PRO A 39 19.97 0.25 16.07
CA PRO A 39 20.58 -1.06 15.76
C PRO A 39 19.76 -2.20 16.34
N ARG A 40 19.27 -2.01 17.55
CA ARG A 40 18.45 -3.01 18.24
C ARG A 40 17.24 -3.35 17.37
N GLN A 41 16.86 -2.41 16.51
CA GLN A 41 15.72 -2.60 15.62
C GLN A 41 16.12 -3.30 14.33
N ILE A 42 17.36 -3.14 13.91
CA ILE A 42 17.83 -3.78 12.69
C ILE A 42 18.00 -5.27 12.96
N THR A 43 18.53 -5.59 14.14
CA THR A 43 18.74 -6.97 14.56
C THR A 43 17.38 -7.66 14.60
N GLY A 44 16.41 -6.98 15.21
CA GLY A 44 15.08 -7.55 15.30
C GLY A 44 14.48 -7.73 13.93
N ALA A 45 14.74 -6.78 13.03
CA ALA A 45 14.21 -6.83 11.68
C ALA A 45 14.72 -8.05 10.92
N LEU A 46 16.03 -8.28 10.99
CA LEU A 46 16.62 -9.43 10.30
C LEU A 46 16.08 -10.74 10.84
N GLU A 47 15.79 -10.77 12.14
CA GLU A 47 15.24 -11.97 12.76
C GLU A 47 13.82 -12.17 12.26
N ASN A 48 13.02 -11.09 12.27
CA ASN A 48 11.63 -11.15 11.80
C ASN A 48 11.59 -11.58 10.33
N ILE A 49 12.46 -10.98 9.52
CA ILE A 49 12.51 -11.31 8.10
C ILE A 49 12.85 -12.79 7.90
N ARG A 50 13.81 -13.29 8.67
CA ARG A 50 14.20 -14.69 8.54
C ARG A 50 13.01 -15.59 8.88
N LYS A 51 12.32 -15.30 9.98
CA LYS A 51 11.18 -16.10 10.39
C LYS A 51 10.05 -16.08 9.36
N GLU A 52 9.76 -14.90 8.82
CA GLU A 52 8.69 -14.78 7.82
C GLU A 52 9.09 -15.50 6.55
N MET A 53 10.35 -15.36 6.13
CA MET A 53 10.82 -16.03 4.93
C MET A 53 10.64 -17.53 5.09
N LYS A 54 10.97 -18.04 6.28
CA LYS A 54 10.83 -19.46 6.56
C LYS A 54 9.36 -19.88 6.51
N SER A 55 8.48 -19.05 7.07
CA SER A 55 7.05 -19.34 7.08
C SER A 55 6.51 -19.42 5.66
N LEU A 56 6.92 -18.48 4.81
CA LEU A 56 6.47 -18.45 3.41
C LEU A 56 6.98 -19.67 2.66
N GLN A 57 8.22 -20.06 2.96
CA GLN A 57 8.83 -21.21 2.31
C GLN A 57 8.05 -22.49 2.64
N GLN A 58 7.73 -22.66 3.91
CA GLN A 58 7.01 -23.84 4.38
C GLN A 58 5.58 -23.94 3.84
N SER A 59 5.00 -22.81 3.42
CA SER A 59 3.64 -22.81 2.89
C SER A 59 3.65 -22.66 1.38
N GLY A 60 4.84 -22.68 0.79
CA GLY A 60 4.96 -22.53 -0.66
C GLY A 60 4.43 -21.19 -1.13
N SER A 61 4.65 -20.15 -0.34
CA SER A 61 4.17 -18.81 -0.66
C SER A 61 5.27 -17.80 -1.00
N LEU A 62 6.48 -18.27 -1.27
CA LEU A 62 7.58 -17.36 -1.62
C LEU A 62 7.39 -16.75 -3.00
N LYS A 63 7.79 -15.50 -3.16
CA LYS A 63 7.69 -14.81 -4.45
C LYS A 63 8.94 -15.09 -5.25
N GLY A 64 8.82 -15.05 -6.57
CA GLY A 64 9.98 -15.27 -7.41
C GLY A 64 10.49 -16.69 -7.49
N SER A 65 11.63 -16.84 -8.13
CA SER A 65 12.26 -18.14 -8.33
C SER A 65 13.51 -18.40 -7.50
N LEU A 66 13.80 -17.51 -6.55
CA LEU A 66 14.97 -17.68 -5.71
C LEU A 66 14.59 -18.39 -4.41
N SER A 67 15.49 -19.25 -3.91
CA SER A 67 15.23 -19.97 -2.68
C SER A 67 15.18 -19.00 -1.52
N ALA A 68 14.54 -19.40 -0.44
CA ALA A 68 14.44 -18.56 0.76
C ALA A 68 15.84 -18.23 1.25
N GLU A 69 16.74 -19.21 1.18
CA GLU A 69 18.11 -19.01 1.64
C GLU A 69 18.83 -17.96 0.82
N GLU A 70 18.71 -18.02 -0.50
CA GLU A 70 19.38 -17.04 -1.33
C GLU A 70 18.79 -15.65 -1.13
N GLN A 71 17.46 -15.57 -1.01
CA GLN A 71 16.83 -14.28 -0.79
C GLN A 71 17.32 -13.67 0.53
N LEU A 72 17.39 -14.48 1.58
CA LEU A 72 17.86 -13.98 2.86
C LEU A 72 19.31 -13.48 2.81
N SER A 73 20.14 -14.16 2.03
CA SER A 73 21.55 -13.76 1.92
C SER A 73 21.70 -12.39 1.24
N LEU A 74 20.66 -11.98 0.49
CA LEU A 74 20.69 -10.71 -0.22
C LEU A 74 20.34 -9.51 0.67
N ILE A 75 19.79 -9.80 1.85
CA ILE A 75 19.40 -8.76 2.79
C ILE A 75 20.44 -8.59 3.89
N SER A 76 21.00 -7.38 3.98
CA SER A 76 22.00 -7.10 5.00
C SER A 76 21.71 -5.78 5.70
N SER A 77 22.37 -5.55 6.83
CA SER A 77 22.15 -4.34 7.58
C SER A 77 23.33 -3.38 7.42
N CYS A 78 23.03 -2.09 7.49
CA CYS A 78 24.07 -1.07 7.39
C CYS A 78 23.64 0.02 8.37
N THR A 79 24.60 0.62 9.05
CA THR A 79 24.31 1.65 10.03
C THR A 79 24.90 3.00 9.60
N ASN A 80 25.57 3.00 8.45
CA ASN A 80 26.19 4.21 7.92
C ASN A 80 25.47 4.62 6.63
N LEU A 81 24.68 5.68 6.72
CA LEU A 81 23.93 6.16 5.56
C LEU A 81 24.82 6.47 4.35
N ALA A 82 25.91 7.19 4.60
CA ALA A 82 26.83 7.55 3.51
C ALA A 82 27.29 6.32 2.75
N GLU A 83 27.55 5.24 3.47
CA GLU A 83 28.00 4.00 2.85
C GLU A 83 26.80 3.19 2.37
N ALA A 84 25.63 3.51 2.90
CA ALA A 84 24.39 2.82 2.54
C ALA A 84 23.90 3.15 1.14
N VAL A 85 24.15 4.37 0.68
CA VAL A 85 23.70 4.80 -0.64
C VAL A 85 24.65 4.42 -1.76
N GLU A 86 25.80 3.86 -1.41
CA GLU A 86 26.79 3.45 -2.40
C GLU A 86 26.24 2.42 -3.38
N GLY A 87 26.31 2.74 -4.67
CA GLY A 87 25.85 1.82 -5.70
C GLY A 87 24.38 1.44 -5.64
N VAL A 88 23.59 2.27 -4.99
CA VAL A 88 22.15 2.02 -4.87
C VAL A 88 21.39 2.75 -5.97
N VAL A 89 20.39 2.10 -6.54
CA VAL A 89 19.60 2.70 -7.60
C VAL A 89 18.20 3.12 -7.14
N HIS A 90 17.78 2.61 -5.99
CA HIS A 90 16.46 2.95 -5.44
C HIS A 90 16.54 2.98 -3.93
N ILE A 91 16.03 4.05 -3.34
CA ILE A 91 16.00 4.19 -1.89
C ILE A 91 14.53 4.34 -1.49
N GLN A 92 14.05 3.41 -0.67
CA GLN A 92 12.67 3.45 -0.22
C GLN A 92 12.66 3.86 1.25
N GLU A 93 12.10 5.05 1.51
CA GLU A 93 12.02 5.58 2.86
C GLU A 93 10.81 4.97 3.56
N CYS A 94 11.06 4.41 4.74
CA CYS A 94 10.02 3.72 5.50
C CYS A 94 9.95 4.15 6.98
N VAL A 95 9.95 5.45 7.27
CA VAL A 95 9.84 5.89 8.65
C VAL A 95 8.40 6.30 8.94
N PRO A 96 8.08 6.63 10.20
CA PRO A 96 6.72 7.02 10.55
C PRO A 96 6.12 8.13 9.68
N GLU A 97 4.78 8.18 9.65
CA GLU A 97 4.07 9.19 8.87
C GLU A 97 4.13 10.51 9.63
N ASN A 98 5.32 11.08 9.66
CA ASN A 98 5.57 12.34 10.33
C ASN A 98 6.33 13.20 9.32
N LEU A 99 5.69 14.27 8.85
CA LEU A 99 6.29 15.15 7.86
C LEU A 99 7.68 15.67 8.23
N ASP A 100 7.82 16.20 9.45
CA ASP A 100 9.11 16.72 9.88
C ASP A 100 10.20 15.66 9.75
N LEU A 101 9.91 14.44 10.20
CA LEU A 101 10.89 13.37 10.14
C LEU A 101 11.23 12.96 8.72
N LYS A 102 10.22 12.83 7.87
CA LYS A 102 10.48 12.46 6.49
C LYS A 102 11.31 13.54 5.78
N ARG A 103 11.00 14.80 6.04
CA ARG A 103 11.75 15.89 5.41
C ARG A 103 13.21 15.86 5.85
N LYS A 104 13.44 15.53 7.12
CA LYS A 104 14.80 15.47 7.65
C LYS A 104 15.59 14.36 6.94
N ILE A 105 14.99 13.19 6.82
CA ILE A 105 15.65 12.08 6.16
C ILE A 105 15.94 12.37 4.70
N PHE A 106 14.97 12.94 3.98
CA PHE A 106 15.20 13.24 2.58
C PHE A 106 16.25 14.34 2.40
N ALA A 107 16.33 15.25 3.36
CA ALA A 107 17.33 16.31 3.29
C ALA A 107 18.70 15.65 3.48
N GLN A 108 18.77 14.68 4.39
CA GLN A 108 20.04 13.99 4.63
C GLN A 108 20.47 13.21 3.39
N LEU A 109 19.52 12.52 2.75
CA LEU A 109 19.81 11.75 1.54
C LEU A 109 20.20 12.69 0.39
N ASP A 110 19.54 13.84 0.33
CA ASP A 110 19.77 14.82 -0.71
C ASP A 110 21.22 15.32 -0.79
N SER A 111 21.93 15.30 0.33
CA SER A 111 23.30 15.78 0.36
C SER A 111 24.35 14.73 0.02
N ILE A 112 23.93 13.47 -0.12
CA ILE A 112 24.88 12.40 -0.40
C ILE A 112 24.64 11.55 -1.63
N VAL A 113 23.44 11.61 -2.21
CA VAL A 113 23.15 10.80 -3.39
C VAL A 113 23.56 11.44 -4.71
N ASP A 114 23.64 10.60 -5.75
CA ASP A 114 23.99 11.06 -7.09
C ASP A 114 22.70 11.44 -7.81
N ASP A 115 22.78 11.56 -9.13
CA ASP A 115 21.61 11.95 -9.93
C ASP A 115 20.83 10.78 -10.53
N ARG A 116 21.29 9.56 -10.31
CA ARG A 116 20.60 8.40 -10.85
C ARG A 116 19.58 7.82 -9.89
N VAL A 117 20.01 7.56 -8.66
CA VAL A 117 19.15 6.97 -7.64
C VAL A 117 17.79 7.63 -7.48
N VAL A 118 16.77 6.80 -7.27
CA VAL A 118 15.42 7.30 -7.06
C VAL A 118 15.20 7.36 -5.55
N LEU A 119 14.67 8.49 -5.09
CA LEU A 119 14.37 8.71 -3.66
C LEU A 119 12.86 8.54 -3.56
N SER A 120 12.43 7.44 -2.95
CA SER A 120 11.03 7.11 -2.86
C SER A 120 10.48 6.98 -1.45
N SER A 121 9.34 7.63 -1.20
CA SER A 121 8.69 7.59 0.11
C SER A 121 7.52 6.61 0.12
N SER A 122 7.33 5.93 1.25
CA SER A 122 6.24 4.97 1.42
C SER A 122 4.97 5.65 1.92
N SER A 123 5.03 6.96 2.12
CA SER A 123 3.89 7.70 2.66
C SER A 123 2.51 7.36 2.12
N SER A 124 1.57 7.20 3.04
CA SER A 124 0.19 6.87 2.71
C SER A 124 -0.68 8.11 2.63
N CYS A 125 -0.14 9.26 3.02
CA CYS A 125 -0.96 10.48 3.03
C CYS A 125 -0.23 11.77 2.67
N LEU A 126 1.01 11.92 3.13
CA LEU A 126 1.78 13.13 2.86
C LEU A 126 2.00 13.34 1.37
N LEU A 127 1.75 14.57 0.91
CA LEU A 127 1.91 14.91 -0.49
C LEU A 127 3.36 15.17 -0.91
N PRO A 128 3.72 14.78 -2.14
CA PRO A 128 5.08 14.99 -2.64
C PRO A 128 5.55 16.44 -2.53
N SER A 129 4.63 17.38 -2.77
CA SER A 129 4.98 18.80 -2.70
C SER A 129 5.42 19.22 -1.30
N LYS A 130 4.92 18.53 -0.28
CA LYS A 130 5.29 18.85 1.09
C LYS A 130 6.55 18.10 1.50
N LEU A 131 6.76 16.94 0.88
CA LEU A 131 7.90 16.09 1.19
C LEU A 131 9.21 16.44 0.50
N PHE A 132 9.13 16.82 -0.77
CA PHE A 132 10.32 17.04 -1.58
C PHE A 132 10.70 18.44 -2.06
N THR A 133 9.80 19.40 -1.94
CA THR A 133 10.11 20.74 -2.41
C THR A 133 11.38 21.29 -1.78
N GLY A 134 12.25 21.88 -2.60
CA GLY A 134 13.48 22.46 -2.11
C GLY A 134 14.71 21.56 -2.19
N LEU A 135 14.50 20.28 -2.46
CA LEU A 135 15.60 19.33 -2.55
C LEU A 135 16.31 19.48 -3.89
N ALA A 136 17.63 19.39 -3.87
CA ALA A 136 18.41 19.50 -5.11
C ALA A 136 18.05 18.36 -6.05
N HIS A 137 17.76 17.19 -5.49
CA HIS A 137 17.44 16.02 -6.29
C HIS A 137 15.94 15.75 -6.41
N VAL A 138 15.14 16.81 -6.38
CA VAL A 138 13.68 16.68 -6.47
C VAL A 138 13.20 15.94 -7.72
N LYS A 139 13.97 16.01 -8.80
CA LYS A 139 13.57 15.32 -10.03
C LYS A 139 13.61 13.81 -9.87
N GLN A 140 14.32 13.34 -8.85
CA GLN A 140 14.45 11.91 -8.59
C GLN A 140 13.54 11.46 -7.46
N CYS A 141 12.71 12.37 -6.96
CA CYS A 141 11.81 12.07 -5.84
C CYS A 141 10.42 11.59 -6.25
N ILE A 142 9.86 10.69 -5.46
CA ILE A 142 8.55 10.15 -5.76
C ILE A 142 8.00 9.43 -4.54
N VAL A 143 6.68 9.27 -4.51
CA VAL A 143 6.02 8.53 -3.46
C VAL A 143 5.65 7.20 -4.13
N ALA A 144 5.99 6.11 -3.48
CA ALA A 144 5.66 4.77 -3.98
C ALA A 144 4.99 4.18 -2.75
N HIS A 145 3.68 4.35 -2.68
CA HIS A 145 2.89 3.90 -1.54
C HIS A 145 2.36 2.47 -1.69
N PRO A 146 2.83 1.55 -0.82
CA PRO A 146 2.38 0.16 -0.87
C PRO A 146 1.14 -0.02 0.00
N VAL A 147 0.45 -1.14 -0.17
CA VAL A 147 -0.74 -1.43 0.60
C VAL A 147 -0.48 -2.63 1.50
N ASN A 148 -0.77 -2.50 2.79
CA ASN A 148 -0.55 -3.59 3.72
C ASN A 148 -1.62 -4.67 3.60
N PRO A 149 -1.22 -5.94 3.52
CA PRO A 149 0.15 -6.47 3.55
C PRO A 149 0.73 -6.53 2.12
N PRO A 150 1.80 -5.77 1.85
CA PRO A 150 2.48 -5.68 0.56
C PRO A 150 2.88 -6.98 -0.10
N TYR A 151 3.17 -8.01 0.69
CA TYR A 151 3.58 -9.27 0.10
C TYR A 151 2.42 -9.94 -0.62
N TYR A 152 1.20 -9.61 -0.21
CA TYR A 152 0.02 -10.19 -0.83
C TYR A 152 -0.76 -9.21 -1.71
N ILE A 153 -0.78 -7.94 -1.33
CA ILE A 153 -1.47 -6.93 -2.13
C ILE A 153 -0.41 -6.23 -2.97
N PRO A 154 -0.46 -6.42 -4.28
CA PRO A 154 0.52 -5.81 -5.18
C PRO A 154 0.47 -4.34 -5.53
N LEU A 155 -0.66 -3.68 -5.29
CA LEU A 155 -0.76 -2.26 -5.64
C LEU A 155 0.29 -1.34 -5.04
N VAL A 156 0.86 -0.49 -5.89
CA VAL A 156 1.80 0.52 -5.45
C VAL A 156 1.41 1.81 -6.16
N GLU A 157 0.99 2.80 -5.37
CA GLU A 157 0.58 4.08 -5.94
C GLU A 157 1.80 4.96 -6.13
N LEU A 158 2.11 5.29 -7.38
CA LEU A 158 3.25 6.16 -7.67
C LEU A 158 2.70 7.58 -7.79
N VAL A 159 3.11 8.44 -6.86
CA VAL A 159 2.66 9.82 -6.85
C VAL A 159 3.88 10.72 -7.01
N PRO A 160 3.90 11.52 -8.08
CA PRO A 160 5.03 12.41 -8.30
C PRO A 160 4.91 13.82 -7.76
N HIS A 161 6.07 14.46 -7.65
CA HIS A 161 6.14 15.85 -7.24
C HIS A 161 6.00 16.54 -8.59
N PRO A 162 5.50 17.78 -8.63
CA PRO A 162 5.36 18.48 -9.91
C PRO A 162 6.64 18.50 -10.75
N GLU A 163 7.79 18.45 -10.07
CA GLU A 163 9.07 18.48 -10.76
C GLU A 163 9.70 17.11 -10.97
N THR A 164 9.03 16.05 -10.54
CA THR A 164 9.56 14.71 -10.73
C THR A 164 9.69 14.46 -12.22
N SER A 165 10.81 13.89 -12.65
CA SER A 165 11.01 13.63 -14.07
C SER A 165 10.27 12.39 -14.57
N PRO A 166 9.91 12.37 -15.85
CA PRO A 166 9.19 11.22 -16.40
C PRO A 166 10.02 9.96 -16.21
N ALA A 167 11.34 10.09 -16.37
CA ALA A 167 12.25 8.97 -16.22
C ALA A 167 12.18 8.36 -14.83
N THR A 168 12.02 9.21 -13.82
CA THR A 168 11.93 8.72 -12.45
C THR A 168 10.67 7.87 -12.31
N VAL A 169 9.57 8.35 -12.86
CA VAL A 169 8.32 7.61 -12.78
C VAL A 169 8.44 6.31 -13.57
N ASP A 170 8.95 6.40 -14.81
CA ASP A 170 9.10 5.21 -15.65
C ASP A 170 9.99 4.14 -15.00
N ARG A 171 11.15 4.56 -14.49
CA ARG A 171 12.07 3.62 -13.87
C ARG A 171 11.44 2.95 -12.65
N THR A 172 10.70 3.73 -11.88
CA THR A 172 10.07 3.17 -10.68
C THR A 172 8.93 2.24 -11.05
N HIS A 173 8.19 2.59 -12.10
CA HIS A 173 7.09 1.75 -12.57
C HIS A 173 7.68 0.42 -13.01
N ALA A 174 8.78 0.46 -13.75
CA ALA A 174 9.43 -0.76 -14.23
C ALA A 174 9.98 -1.59 -13.08
N LEU A 175 10.57 -0.93 -12.10
CA LEU A 175 11.14 -1.62 -10.95
C LEU A 175 10.06 -2.34 -10.15
N MET A 176 8.94 -1.65 -9.93
CA MET A 176 7.85 -2.24 -9.17
C MET A 176 7.31 -3.45 -9.93
N ARG A 177 7.20 -3.35 -11.26
CA ARG A 177 6.71 -4.49 -12.04
C ARG A 177 7.71 -5.62 -11.98
N LYS A 178 9.00 -5.28 -11.98
CA LYS A 178 10.06 -6.28 -11.93
C LYS A 178 10.00 -7.13 -10.67
N ILE A 179 9.59 -6.55 -9.54
CA ILE A 179 9.51 -7.31 -8.30
C ILE A 179 8.13 -7.93 -8.09
N GLY A 180 7.31 -7.92 -9.14
CA GLY A 180 6.00 -8.53 -9.06
C GLY A 180 4.84 -7.68 -8.56
N GLN A 181 5.09 -6.40 -8.32
CA GLN A 181 4.02 -5.52 -7.83
C GLN A 181 3.22 -4.91 -8.99
N SER A 182 2.15 -4.22 -8.65
CA SER A 182 1.28 -3.59 -9.64
C SER A 182 1.26 -2.09 -9.46
N PRO A 183 2.25 -1.39 -10.03
CA PRO A 183 2.28 0.06 -9.89
C PRO A 183 1.21 0.73 -10.76
N VAL A 184 0.77 1.91 -10.32
CA VAL A 184 -0.19 2.70 -11.07
C VAL A 184 0.37 4.11 -11.06
N ARG A 185 0.09 4.87 -12.11
CA ARG A 185 0.58 6.23 -12.17
C ARG A 185 -0.46 7.26 -11.73
N VAL A 186 -0.28 7.82 -10.53
CA VAL A 186 -1.19 8.86 -10.07
C VAL A 186 -0.56 10.08 -10.75
N LEU A 187 -1.23 10.57 -11.79
CA LEU A 187 -0.72 11.67 -12.61
C LEU A 187 -0.46 13.00 -11.93
N LYS A 188 -1.25 13.32 -10.91
CA LYS A 188 -1.11 14.56 -10.17
C LYS A 188 -1.39 14.23 -8.72
N GLU A 189 -0.62 14.82 -7.81
CA GLU A 189 -0.84 14.55 -6.40
C GLU A 189 -2.21 15.03 -5.98
N ILE A 190 -2.81 14.33 -5.03
CA ILE A 190 -4.12 14.67 -4.52
C ILE A 190 -4.29 14.02 -3.14
N ASP A 191 -4.99 14.72 -2.27
CA ASP A 191 -5.25 14.25 -0.92
C ASP A 191 -5.93 12.88 -0.95
N GLY A 192 -5.30 11.89 -0.32
CA GLY A 192 -5.84 10.54 -0.29
C GLY A 192 -5.44 9.70 -1.51
N PHE A 193 -4.67 10.30 -2.41
CA PHE A 193 -4.25 9.63 -3.65
C PHE A 193 -5.47 9.01 -4.32
N VAL A 194 -5.41 7.73 -4.68
CA VAL A 194 -6.57 7.10 -5.34
C VAL A 194 -7.28 6.11 -4.44
N LEU A 195 -6.54 5.16 -3.88
CA LEU A 195 -7.15 4.15 -3.04
C LEU A 195 -7.97 4.71 -1.88
N ASN A 196 -7.40 5.63 -1.09
CA ASN A 196 -8.18 6.17 0.02
C ASN A 196 -9.37 6.99 -0.42
N ARG A 197 -9.30 7.63 -1.58
CA ARG A 197 -10.45 8.40 -2.03
C ARG A 197 -11.59 7.43 -2.35
N LEU A 198 -11.28 6.30 -2.98
CA LEU A 198 -12.33 5.33 -3.27
C LEU A 198 -12.82 4.71 -1.96
N GLN A 199 -11.88 4.40 -1.06
CA GLN A 199 -12.26 3.79 0.21
C GLN A 199 -13.19 4.70 1.03
N TYR A 200 -12.84 5.99 1.10
CA TYR A 200 -13.64 6.94 1.85
C TYR A 200 -15.02 7.15 1.21
N ALA A 201 -15.09 7.05 -0.11
CA ALA A 201 -16.37 7.20 -0.81
C ALA A 201 -17.32 6.11 -0.35
N ILE A 202 -16.79 4.90 -0.21
CA ILE A 202 -17.57 3.75 0.24
C ILE A 202 -17.99 3.90 1.69
N ILE A 203 -17.03 4.25 2.54
CA ILE A 203 -17.29 4.41 3.96
C ILE A 203 -18.36 5.47 4.23
N SER A 204 -18.27 6.60 3.52
CA SER A 204 -19.24 7.68 3.70
C SER A 204 -20.69 7.21 3.49
N GLU A 205 -20.95 6.52 2.39
CA GLU A 205 -22.30 6.03 2.10
C GLU A 205 -22.68 4.89 3.05
N ALA A 206 -21.73 4.02 3.35
CA ALA A 206 -21.99 2.91 4.26
C ALA A 206 -22.41 3.47 5.62
N TRP A 207 -21.71 4.50 6.07
CA TRP A 207 -21.99 5.13 7.36
C TRP A 207 -23.43 5.65 7.42
N ARG A 208 -23.85 6.33 6.36
CA ARG A 208 -25.20 6.87 6.34
C ARG A 208 -26.28 5.79 6.26
N LEU A 209 -26.00 4.69 5.57
CA LEU A 209 -26.97 3.61 5.46
C LEU A 209 -27.21 3.00 6.84
N VAL A 210 -26.16 2.93 7.65
CA VAL A 210 -26.30 2.38 8.98
C VAL A 210 -27.02 3.40 9.86
N GLU A 211 -26.61 4.66 9.74
CA GLU A 211 -27.23 5.73 10.51
C GLU A 211 -28.73 5.83 10.24
N GLU A 212 -29.11 5.70 8.98
CA GLU A 212 -30.51 5.78 8.57
C GLU A 212 -31.34 4.53 8.83
N GLY A 213 -30.71 3.50 9.38
CA GLY A 213 -31.41 2.27 9.69
C GLY A 213 -31.83 1.45 8.47
N ILE A 214 -31.02 1.50 7.42
CA ILE A 214 -31.32 0.76 6.22
C ILE A 214 -30.80 -0.67 6.35
N VAL A 215 -29.69 -0.83 7.07
CA VAL A 215 -29.08 -2.14 7.24
C VAL A 215 -28.15 -2.12 8.46
N SER A 216 -27.99 -3.27 9.10
CA SER A 216 -27.13 -3.36 10.27
C SER A 216 -25.69 -3.27 9.80
N PRO A 217 -24.76 -2.88 10.69
CA PRO A 217 -23.35 -2.78 10.29
C PRO A 217 -22.82 -4.11 9.76
N SER A 218 -23.21 -5.20 10.42
CA SER A 218 -22.76 -6.54 10.03
C SER A 218 -23.29 -6.92 8.65
N ASP A 219 -24.57 -6.62 8.40
CA ASP A 219 -25.15 -6.95 7.09
C ASP A 219 -24.58 -6.05 6.01
N LEU A 220 -24.25 -4.80 6.35
CA LEU A 220 -23.67 -3.90 5.38
C LEU A 220 -22.35 -4.51 4.91
N ASP A 221 -21.53 -4.97 5.86
CA ASP A 221 -20.25 -5.58 5.50
C ASP A 221 -20.44 -6.82 4.62
N LEU A 222 -21.50 -7.59 4.88
CA LEU A 222 -21.76 -8.78 4.09
C LEU A 222 -22.10 -8.43 2.64
N VAL A 223 -22.78 -7.30 2.45
CA VAL A 223 -23.12 -6.87 1.10
C VAL A 223 -21.82 -6.74 0.31
N MET A 224 -20.76 -6.35 0.98
CA MET A 224 -19.48 -6.22 0.29
C MET A 224 -18.73 -7.55 0.22
N SER A 225 -18.42 -8.17 1.37
CA SER A 225 -17.65 -9.41 1.40
C SER A 225 -18.24 -10.61 0.66
N ASP A 226 -19.55 -10.73 0.68
CA ASP A 226 -20.20 -11.84 0.00
C ASP A 226 -20.94 -11.36 -1.24
N GLY A 227 -20.64 -10.14 -1.68
CA GLY A 227 -21.30 -9.59 -2.85
C GLY A 227 -20.43 -8.76 -3.77
N LEU A 228 -20.56 -7.44 -3.65
CA LEU A 228 -19.81 -6.52 -4.50
C LEU A 228 -18.29 -6.68 -4.45
N GLY A 229 -17.79 -6.97 -3.25
CA GLY A 229 -16.35 -7.14 -3.09
C GLY A 229 -15.73 -8.30 -3.85
N MET A 230 -16.52 -9.33 -4.11
CA MET A 230 -15.99 -10.49 -4.82
C MET A 230 -15.58 -10.14 -6.25
N ARG A 231 -16.36 -9.32 -6.92
CA ARG A 231 -15.99 -8.94 -8.28
C ARG A 231 -14.77 -8.01 -8.24
N TYR A 232 -14.73 -7.14 -7.25
CA TYR A 232 -13.63 -6.17 -7.13
C TYR A 232 -12.26 -6.77 -6.82
N ALA A 233 -12.21 -8.03 -6.45
CA ALA A 233 -10.94 -8.67 -6.18
C ALA A 233 -10.28 -9.05 -7.49
N PHE A 234 -11.04 -8.99 -8.58
CA PHE A 234 -10.52 -9.36 -9.90
C PHE A 234 -10.63 -8.28 -10.96
N ILE A 235 -11.70 -7.49 -10.89
CA ILE A 235 -11.94 -6.44 -11.87
C ILE A 235 -12.38 -5.14 -11.19
N GLY A 236 -11.89 -4.02 -11.73
CA GLY A 236 -12.22 -2.72 -11.18
C GLY A 236 -13.64 -2.27 -11.40
N PRO A 237 -14.04 -1.13 -10.83
CA PRO A 237 -15.41 -0.61 -10.99
C PRO A 237 -15.83 -0.21 -12.39
N LEU A 238 -14.87 0.24 -13.20
CA LEU A 238 -15.18 0.65 -14.57
C LEU A 238 -15.34 -0.56 -15.48
N GLU A 239 -14.39 -1.49 -15.44
CA GLU A 239 -14.50 -2.67 -16.27
C GLU A 239 -15.71 -3.48 -15.82
N THR A 240 -16.07 -3.36 -14.55
CA THR A 240 -17.23 -4.05 -14.02
C THR A 240 -18.49 -3.56 -14.73
N MET A 241 -18.57 -2.25 -14.94
CA MET A 241 -19.71 -1.66 -15.63
C MET A 241 -19.72 -2.15 -17.08
N HIS A 242 -18.53 -2.15 -17.68
CA HIS A 242 -18.32 -2.58 -19.06
C HIS A 242 -18.86 -3.97 -19.33
N LEU A 243 -18.64 -4.88 -18.39
CA LEU A 243 -19.08 -6.26 -18.52
C LEU A 243 -20.51 -6.52 -18.06
N ASN A 244 -21.06 -5.63 -17.25
CA ASN A 244 -22.42 -5.82 -16.76
C ASN A 244 -23.49 -5.26 -17.69
N ALA A 245 -23.07 -4.92 -18.90
CA ALA A 245 -23.94 -4.41 -19.95
C ALA A 245 -23.20 -4.76 -21.22
N GLU A 246 -23.67 -4.28 -22.36
CA GLU A 246 -22.97 -4.57 -23.60
C GLU A 246 -21.90 -3.50 -23.84
N GLY A 247 -21.04 -3.30 -22.84
CA GLY A 247 -20.00 -2.31 -22.95
C GLY A 247 -20.32 -1.09 -22.11
N MET A 248 -19.32 -0.22 -21.93
CA MET A 248 -19.50 0.99 -21.12
C MET A 248 -20.61 1.91 -21.62
N LEU A 249 -20.67 2.15 -22.93
CA LEU A 249 -21.69 3.02 -23.48
C LEU A 249 -23.07 2.44 -23.15
N SER A 250 -23.19 1.13 -23.29
CA SER A 250 -24.44 0.42 -22.99
C SER A 250 -24.82 0.57 -21.52
N TYR A 251 -23.83 0.41 -20.64
CA TYR A 251 -24.11 0.53 -19.20
C TYR A 251 -24.62 1.91 -18.85
N CYS A 252 -23.92 2.94 -19.38
CA CYS A 252 -24.33 4.31 -19.11
C CYS A 252 -25.70 4.61 -19.72
N ASP A 253 -26.01 4.00 -20.86
CA ASP A 253 -27.32 4.21 -21.51
C ASP A 253 -28.43 3.60 -20.66
N ARG A 254 -28.17 2.41 -20.13
CA ARG A 254 -29.17 1.71 -19.32
C ARG A 254 -29.32 2.20 -17.89
N TYR A 255 -28.22 2.54 -17.25
CA TYR A 255 -28.26 2.93 -15.84
C TYR A 255 -27.83 4.32 -15.39
N SER A 256 -27.39 5.18 -16.30
CA SER A 256 -26.96 6.52 -15.89
C SER A 256 -28.07 7.28 -15.18
N GLU A 257 -29.30 7.13 -15.66
CA GLU A 257 -30.44 7.81 -15.05
C GLU A 257 -30.60 7.39 -13.59
N GLY A 258 -30.53 6.08 -13.36
CA GLY A 258 -30.66 5.56 -12.00
C GLY A 258 -29.49 5.96 -11.13
N MET A 259 -28.29 5.96 -11.68
CA MET A 259 -27.11 6.32 -10.91
C MET A 259 -27.23 7.75 -10.41
N LYS A 260 -27.57 8.68 -11.31
CA LYS A 260 -27.71 10.07 -10.92
C LYS A 260 -28.80 10.23 -9.86
N ARG A 261 -29.90 9.50 -10.03
CA ARG A 261 -31.02 9.57 -9.10
C ARG A 261 -30.62 9.11 -7.70
N VAL A 262 -29.89 8.00 -7.63
CA VAL A 262 -29.46 7.48 -6.34
C VAL A 262 -28.44 8.41 -5.69
N LEU A 263 -27.46 8.85 -6.47
CA LEU A 263 -26.43 9.75 -5.97
C LEU A 263 -27.02 11.06 -5.44
N LYS A 264 -28.05 11.55 -6.11
CA LYS A 264 -28.68 12.79 -5.70
C LYS A 264 -29.29 12.65 -4.29
N SER A 265 -29.68 11.44 -3.93
CA SER A 265 -30.30 11.18 -2.63
C SER A 265 -29.29 11.03 -1.49
N PHE A 266 -28.00 11.00 -1.82
CA PHE A 266 -26.97 10.86 -0.78
C PHE A 266 -27.01 12.00 0.22
N GLY A 267 -26.89 11.65 1.50
CA GLY A 267 -26.90 12.65 2.55
C GLY A 267 -25.62 13.42 2.66
N SER A 268 -25.42 14.08 3.80
CA SER A 268 -24.25 14.90 4.05
C SER A 268 -23.04 14.09 4.54
N ILE A 269 -21.90 14.75 4.60
CA ILE A 269 -20.67 14.09 5.05
C ILE A 269 -20.80 13.74 6.52
N PRO A 270 -20.54 12.48 6.88
CA PRO A 270 -20.63 12.01 8.27
C PRO A 270 -19.72 12.75 9.24
N GLU A 271 -20.11 12.72 10.51
CA GLU A 271 -19.32 13.36 11.55
C GLU A 271 -18.42 12.30 12.16
N PHE A 272 -18.68 11.05 11.79
CA PHE A 272 -17.91 9.91 12.26
C PHE A 272 -17.73 9.94 13.78
N SER A 273 -18.83 10.09 14.49
CA SER A 273 -18.80 10.14 15.95
C SER A 273 -20.20 9.92 16.51
N GLY A 274 -20.38 10.26 17.77
CA GLY A 274 -21.67 10.10 18.42
C GLY A 274 -22.33 8.75 18.35
N ALA A 275 -23.66 8.76 18.28
CA ALA A 275 -24.46 7.55 18.23
C ALA A 275 -24.07 6.52 17.17
N THR A 276 -23.76 6.98 15.96
CA THR A 276 -23.42 6.04 14.90
C THR A 276 -22.07 5.35 15.08
N VAL A 277 -21.08 6.05 15.60
CA VAL A 277 -19.79 5.42 15.82
C VAL A 277 -19.95 4.38 16.91
N GLU A 278 -20.79 4.66 17.90
CA GLU A 278 -21.03 3.73 18.99
C GLU A 278 -21.78 2.52 18.47
N LYS A 279 -22.71 2.75 17.56
CA LYS A 279 -23.49 1.67 16.97
C LYS A 279 -22.60 0.79 16.10
N VAL A 280 -21.79 1.43 15.26
CA VAL A 280 -20.89 0.68 14.39
C VAL A 280 -19.83 -0.04 15.23
N ASN A 281 -19.24 0.66 16.19
CA ASN A 281 -18.22 0.06 17.03
C ASN A 281 -18.75 -1.15 17.79
N GLN A 282 -19.94 -1.03 18.37
CA GLN A 282 -20.53 -2.13 19.12
C GLN A 282 -20.71 -3.36 18.24
N ALA A 283 -21.12 -3.14 16.99
CA ALA A 283 -21.31 -4.27 16.07
C ALA A 283 -19.97 -4.88 15.69
N MET A 284 -18.97 -4.04 15.46
CA MET A 284 -17.64 -4.53 15.09
C MET A 284 -17.03 -5.33 16.25
N CYS A 285 -17.20 -4.83 17.47
CA CYS A 285 -16.65 -5.52 18.63
C CYS A 285 -17.33 -6.85 18.93
N LYS A 286 -18.60 -6.98 18.53
CA LYS A 286 -19.32 -8.22 18.75
C LYS A 286 -18.68 -9.31 17.90
N LYS A 287 -18.26 -8.92 16.70
CA LYS A 287 -17.62 -9.83 15.75
C LYS A 287 -16.16 -10.05 16.11
N VAL A 288 -15.48 -8.95 16.46
CA VAL A 288 -14.08 -8.99 16.81
C VAL A 288 -13.77 -8.07 18.00
N PRO A 289 -13.66 -8.65 19.22
CA PRO A 289 -13.36 -7.84 20.40
C PRO A 289 -12.17 -6.93 20.12
N ALA A 290 -12.28 -5.66 20.53
CA ALA A 290 -11.23 -4.68 20.28
C ALA A 290 -10.00 -4.76 21.18
N ASP A 291 -9.54 -5.98 21.44
CA ASP A 291 -8.35 -6.15 22.26
C ASP A 291 -7.22 -6.68 21.37
N PRO A 292 -5.96 -6.36 21.72
CA PRO A 292 -4.78 -6.77 20.97
C PRO A 292 -4.77 -8.21 20.46
N GLU A 293 -5.25 -9.14 21.27
CA GLU A 293 -5.27 -10.55 20.87
C GLU A 293 -6.29 -10.88 19.79
N HIS A 294 -7.53 -10.43 19.97
CA HIS A 294 -8.58 -10.71 18.99
C HIS A 294 -8.37 -9.97 17.68
N LEU A 295 -7.84 -8.75 17.76
CA LEU A 295 -7.58 -7.96 16.56
C LEU A 295 -6.46 -8.63 15.76
N ALA A 296 -5.41 -9.06 16.45
CA ALA A 296 -4.29 -9.70 15.80
C ALA A 296 -4.71 -11.01 15.14
N ALA A 297 -5.52 -11.79 15.83
CA ALA A 297 -6.01 -13.06 15.30
C ALA A 297 -6.81 -12.85 14.03
N ARG A 298 -7.69 -11.85 14.04
CA ARG A 298 -8.52 -11.57 12.88
C ARG A 298 -7.67 -11.06 11.73
N ARG A 299 -6.66 -10.26 12.03
CA ARG A 299 -5.77 -9.74 10.99
C ARG A 299 -5.00 -10.90 10.39
N GLU A 300 -4.66 -11.88 11.22
CA GLU A 300 -3.93 -13.07 10.75
C GLU A 300 -4.80 -13.83 9.76
N TRP A 301 -6.09 -13.95 10.08
CA TRP A 301 -7.03 -14.64 9.22
C TRP A 301 -7.15 -13.86 7.91
N ARG A 302 -7.34 -12.55 8.03
CA ARG A 302 -7.46 -11.68 6.87
C ARG A 302 -6.26 -11.84 5.93
N ASP A 303 -5.06 -11.78 6.50
CA ASP A 303 -3.83 -11.90 5.71
C ASP A 303 -3.69 -13.25 5.03
N GLU A 304 -4.15 -14.32 5.69
CA GLU A 304 -4.09 -15.65 5.10
C GLU A 304 -5.02 -15.69 3.89
N CYS A 305 -6.18 -15.06 4.01
CA CYS A 305 -7.12 -15.03 2.90
C CYS A 305 -6.47 -14.31 1.73
N LEU A 306 -5.84 -13.17 2.01
CA LEU A 306 -5.19 -12.39 0.98
C LEU A 306 -4.05 -13.16 0.32
N LYS A 307 -3.30 -13.90 1.14
CA LYS A 307 -2.20 -14.71 0.63
C LYS A 307 -2.75 -15.73 -0.38
N ARG A 308 -3.85 -16.38 -0.02
CA ARG A 308 -4.44 -17.37 -0.91
C ARG A 308 -5.07 -16.73 -2.13
N LEU A 309 -5.61 -15.52 -1.96
CA LEU A 309 -6.22 -14.82 -3.08
C LEU A 309 -5.15 -14.38 -4.07
N ALA A 310 -4.02 -13.90 -3.56
CA ALA A 310 -2.94 -13.47 -4.43
C ALA A 310 -2.51 -14.63 -5.32
N LYS A 311 -2.40 -15.81 -4.74
CA LYS A 311 -2.01 -16.99 -5.49
C LYS A 311 -3.03 -17.29 -6.59
N LEU A 312 -4.31 -17.24 -6.23
CA LEU A 312 -5.38 -17.48 -7.19
C LEU A 312 -5.36 -16.45 -8.31
N LYS A 313 -5.10 -15.19 -7.96
CA LYS A 313 -5.06 -14.13 -8.95
C LYS A 313 -3.95 -14.37 -9.96
N ARG A 314 -2.78 -14.78 -9.46
CA ARG A 314 -1.65 -15.05 -10.33
C ARG A 314 -1.96 -16.21 -11.28
N GLN A 315 -2.69 -17.19 -10.79
CA GLN A 315 -3.05 -18.35 -11.59
C GLN A 315 -4.03 -17.99 -12.71
N MET A 316 -4.88 -16.99 -12.44
CA MET A 316 -5.91 -16.63 -13.42
C MET A 316 -5.40 -15.57 -14.39
#